data_8FKE
#
_entry.id   8FKE
#
_cell.length_a   61.888
_cell.length_b   61.888
_cell.length_c   164.288
_cell.angle_alpha   90.000
_cell.angle_beta   90.000
_cell.angle_gamma   90.000
#
_symmetry.space_group_name_H-M   'P 41 21 2'
#
loop_
_entity.id
_entity.type
_entity.pdbx_description
1 polymer 'Peroxisome proliferator-activated receptor gamma'
2 polymer 'Nuclear receptor corepressor 1'
3 non-polymer 2-chloro-N-(2-methylpyridin-4-yl)-5-nitrobenzamide
4 non-polymer 1,2-ETHANEDIOL
5 water water
#
loop_
_entity_poly.entity_id
_entity_poly.type
_entity_poly.pdbx_seq_one_letter_code
_entity_poly.pdbx_strand_id
1 'polypeptide(L)'
;GQLNPESADLRALAKHLYDSYIKSFPLTKAKARAILTGKTTDKSPFVIYDMNSLMMGEDKIKFKHITPLQEQSKEVAIRI
FQGCQFRSVEAVQEITEYAKSIPGFVNLDLNDQVTLLKYGVHEIIYTMLASLMNKDGVLISEGQGFMTREFLKSLRKPFG
DFMEPKFEFAVKFNALELDDSDLAIFIAVIILSGDRPGLLNVKPIEDIQDNLLQALELQLKLNHPESSQLFAKLLQKMTD
LRQIVTEHVQLLQVIKKTETDMSLHPLLQEIYKDLY
;
A
2 'polypeptide(L)' DPASNLGLEDIIRKALMGSFDDK D
#
# COMPACT_ATOMS: atom_id res chain seq x y z
N GLY A 1 -9.57 15.42 -27.54
CA GLY A 1 -8.65 16.03 -26.60
C GLY A 1 -7.91 17.21 -27.22
N GLN A 2 -7.78 18.29 -26.46
CA GLN A 2 -7.07 19.48 -26.92
C GLN A 2 -6.15 19.98 -25.80
N LEU A 3 -5.12 20.72 -26.21
CA LEU A 3 -4.26 21.44 -25.28
C LEU A 3 -4.84 22.83 -25.10
N ASN A 4 -5.48 23.06 -23.96
CA ASN A 4 -6.11 24.33 -23.66
C ASN A 4 -5.85 24.65 -22.19
N PRO A 5 -6.29 25.80 -21.66
CA PRO A 5 -6.04 26.08 -20.23
C PRO A 5 -6.53 24.99 -19.30
N GLU A 6 -7.66 24.34 -19.61
CA GLU A 6 -8.19 23.31 -18.72
C GLU A 6 -7.27 22.10 -18.67
N SER A 7 -6.82 21.61 -19.84
CA SER A 7 -5.94 20.45 -19.84
C SER A 7 -4.57 20.79 -19.26
N ALA A 8 -4.07 22.00 -19.52
CA ALA A 8 -2.80 22.41 -18.94
C ALA A 8 -2.87 22.44 -17.41
N ASP A 9 -4.00 22.87 -16.86
CA ASP A 9 -4.16 22.84 -15.40
C ASP A 9 -4.15 21.40 -14.88
N LEU A 10 -4.72 20.47 -15.64
CA LEU A 10 -4.71 19.07 -15.22
C LEU A 10 -3.30 18.48 -15.28
N ARG A 11 -2.48 18.91 -16.24
CA ARG A 11 -1.09 18.48 -16.27
C ARG A 11 -0.28 19.12 -15.15
N ALA A 12 -0.60 20.37 -14.81
CA ALA A 12 0.09 21.02 -13.70
C ALA A 12 -0.26 20.36 -12.37
N LEU A 13 -1.52 19.94 -12.21
CA LEU A 13 -1.91 19.20 -11.02
C LEU A 13 -1.19 17.85 -10.94
N ALA A 14 -1.06 17.16 -12.07
CA ALA A 14 -0.36 15.88 -12.09
C ALA A 14 1.11 16.05 -11.70
N LYS A 15 1.75 17.10 -12.18
CA LYS A 15 3.14 17.36 -11.81
C LYS A 15 3.27 17.73 -10.34
N HIS A 16 2.32 18.54 -9.83
CA HIS A 16 2.34 18.92 -8.42
C HIS A 16 2.25 17.69 -7.53
N LEU A 17 1.30 16.79 -7.82
CA LEU A 17 1.18 15.56 -7.05
C LEU A 17 2.42 14.68 -7.17
N TYR A 18 2.97 14.55 -8.38
CA TYR A 18 4.15 13.72 -8.57
C TYR A 18 5.33 14.26 -7.77
N ASP A 19 5.55 15.58 -7.81
CA ASP A 19 6.65 16.16 -7.05
C ASP A 19 6.45 15.95 -5.55
N SER A 20 5.24 16.16 -5.06
CA SER A 20 4.95 15.88 -3.65
C SER A 20 5.07 14.40 -3.34
N TYR A 21 4.68 13.53 -4.29
CA TYR A 21 4.83 12.08 -4.12
C TYR A 21 6.30 11.70 -3.94
N ILE A 22 7.18 12.28 -4.76
CA ILE A 22 8.61 11.99 -4.65
C ILE A 22 9.15 12.48 -3.31
N LYS A 23 8.68 13.64 -2.85
CA LYS A 23 9.17 14.19 -1.59
C LYS A 23 8.69 13.38 -0.39
N SER A 24 7.48 12.80 -0.47
CA SER A 24 6.88 12.14 0.67
C SER A 24 7.30 10.68 0.81
N PHE A 25 7.48 9.98 -0.31
CA PHE A 25 7.69 8.54 -0.31
C PHE A 25 9.09 8.21 -0.85
N PRO A 26 10.08 7.99 0.02
CA PRO A 26 11.41 7.63 -0.50
C PRO A 26 11.45 6.27 -1.17
N LEU A 27 10.51 5.37 -0.87
CA LEU A 27 10.46 4.05 -1.49
C LEU A 27 9.52 4.11 -2.68
N THR A 28 10.06 4.47 -3.83
CA THR A 28 9.25 4.57 -5.05
C THR A 28 9.14 3.19 -5.72
N LYS A 29 8.21 3.10 -6.67
CA LYS A 29 8.06 1.85 -7.40
C LYS A 29 9.31 1.55 -8.24
N ALA A 30 9.92 2.59 -8.83
CA ALA A 30 11.10 2.39 -9.66
C ALA A 30 12.22 1.74 -8.87
N LYS A 31 12.44 2.19 -7.63
CA LYS A 31 13.48 1.60 -6.79
C LYS A 31 13.17 0.15 -6.46
N ALA A 32 11.89 -0.16 -6.20
CA ALA A 32 11.50 -1.52 -5.84
C ALA A 32 11.73 -2.47 -7.01
N ARG A 33 11.29 -2.09 -8.21
CA ARG A 33 11.43 -2.98 -9.36
C ARG A 33 12.88 -3.19 -9.73
N ALA A 34 13.73 -2.17 -9.52
CA ALA A 34 15.16 -2.33 -9.80
C ALA A 34 15.78 -3.42 -8.93
N ILE A 35 15.32 -3.53 -7.68
CA ILE A 35 15.83 -4.59 -6.80
C ILE A 35 15.27 -5.94 -7.23
N LEU A 36 13.98 -5.98 -7.56
CA LEU A 36 13.33 -7.24 -7.92
C LEU A 36 13.90 -7.82 -9.20
N THR A 37 14.19 -6.98 -10.19
CA THR A 37 14.76 -7.43 -11.45
C THR A 37 16.28 -7.55 -11.39
N GLY A 38 16.86 -7.50 -10.20
CA GLY A 38 18.29 -7.69 -10.05
C GLY A 38 19.16 -6.61 -10.67
N LYS A 39 18.68 -5.36 -10.69
CA LYS A 39 19.49 -4.28 -11.24
C LYS A 39 20.49 -3.75 -10.22
N THR A 40 20.03 -3.48 -9.00
CA THR A 40 20.87 -2.88 -7.96
C THR A 40 21.89 -3.92 -7.50
N THR A 41 23.12 -3.83 -8.02
CA THR A 41 24.17 -4.77 -7.70
C THR A 41 24.76 -4.55 -6.32
N ASP A 42 24.51 -3.40 -5.69
CA ASP A 42 25.00 -3.18 -4.34
C ASP A 42 24.10 -3.81 -3.29
N LYS A 43 22.78 -3.67 -3.47
CA LYS A 43 21.80 -4.28 -2.56
C LYS A 43 21.19 -5.48 -3.26
N SER A 44 21.89 -6.63 -3.14
CA SER A 44 21.39 -7.88 -3.66
C SER A 44 20.70 -8.63 -2.54
N PRO A 45 19.36 -8.70 -2.52
CA PRO A 45 18.68 -9.33 -1.39
C PRO A 45 18.90 -10.83 -1.34
N PHE A 46 18.89 -11.35 -0.11
CA PHE A 46 19.02 -12.79 0.11
C PHE A 46 17.66 -13.45 -0.02
N VAL A 47 17.62 -14.58 -0.72
CA VAL A 47 16.37 -15.29 -0.99
C VAL A 47 16.09 -16.27 0.13
N ILE A 48 14.93 -16.13 0.75
CA ILE A 48 14.45 -17.06 1.77
C ILE A 48 13.32 -17.87 1.15
N TYR A 49 13.60 -19.14 0.84
CA TYR A 49 12.65 -19.98 0.13
C TYR A 49 12.22 -21.22 0.89
N ASP A 50 12.88 -21.56 2.00
CA ASP A 50 12.49 -22.69 2.82
C ASP A 50 13.05 -22.48 4.22
N MET A 51 12.76 -23.43 5.11
CA MET A 51 13.20 -23.31 6.50
C MET A 51 14.72 -23.30 6.62
N ASN A 52 15.41 -24.03 5.75
CA ASN A 52 16.87 -24.05 5.80
C ASN A 52 17.46 -22.70 5.42
N SER A 53 17.04 -22.15 4.28
CA SER A 53 17.51 -20.82 3.90
C SER A 53 17.03 -19.75 4.85
N LEU A 54 15.93 -19.98 5.57
CA LEU A 54 15.50 -19.04 6.61
C LEU A 54 16.57 -18.90 7.68
N MET A 55 17.15 -20.02 8.12
CA MET A 55 18.19 -19.97 9.13
C MET A 55 19.49 -19.43 8.57
N MET A 56 19.75 -19.63 7.28
CA MET A 56 20.95 -19.09 6.64
C MET A 56 20.93 -17.57 6.59
N GLY A 57 19.75 -16.96 6.61
CA GLY A 57 19.64 -15.51 6.56
C GLY A 57 19.25 -14.90 7.89
N GLU A 58 19.69 -15.52 8.98
CA GLU A 58 19.35 -15.02 10.31
C GLU A 58 19.98 -13.66 10.57
N ASP A 59 21.13 -13.38 9.97
CA ASP A 59 21.79 -12.10 10.22
C ASP A 59 21.07 -10.95 9.53
N LYS A 60 20.51 -11.19 8.34
CA LYS A 60 19.84 -10.14 7.59
C LYS A 60 18.48 -9.78 8.17
N ILE A 61 17.97 -10.54 9.14
CA ILE A 61 16.70 -10.26 9.78
C ILE A 61 16.99 -9.58 11.11
N LYS A 62 16.64 -8.30 11.20
CA LYS A 62 16.97 -7.48 12.35
C LYS A 62 15.77 -7.36 13.28
N PHE A 63 15.97 -7.71 14.55
CA PHE A 63 14.90 -7.60 15.55
C PHE A 63 14.83 -6.19 16.12
N GLN A 72 3.23 -5.68 24.24
CA GLN A 72 3.28 -7.07 23.79
C GLN A 72 1.91 -7.72 23.86
N SER A 73 1.80 -8.93 23.30
CA SER A 73 0.56 -9.70 23.32
C SER A 73 0.89 -11.18 23.52
N LYS A 74 -0.17 -11.97 23.70
CA LYS A 74 -0.02 -13.40 23.97
C LYS A 74 0.11 -14.21 22.69
N GLU A 75 -0.89 -14.10 21.80
CA GLU A 75 -0.90 -14.91 20.60
C GLU A 75 0.12 -14.41 19.58
N VAL A 76 0.65 -15.35 18.79
CA VAL A 76 1.66 -15.03 17.79
C VAL A 76 1.11 -14.11 16.73
N ALA A 77 -0.10 -14.38 16.25
CA ALA A 77 -0.68 -13.59 15.16
C ALA A 77 -0.96 -12.15 15.60
N ILE A 78 -1.44 -11.97 16.83
CA ILE A 78 -1.75 -10.64 17.31
C ILE A 78 -0.48 -9.81 17.46
N ARG A 79 0.60 -10.43 17.95
CA ARG A 79 1.87 -9.72 18.03
C ARG A 79 2.41 -9.37 16.65
N ILE A 80 2.14 -10.20 15.65
CA ILE A 80 2.55 -9.87 14.28
C ILE A 80 1.82 -8.63 13.80
N PHE A 81 0.50 -8.58 14.02
CA PHE A 81 -0.27 -7.44 13.57
C PHE A 81 0.11 -6.18 14.32
N GLN A 82 0.35 -6.29 15.63
CA GLN A 82 0.81 -5.15 16.41
C GLN A 82 2.15 -4.65 15.89
N GLY A 83 3.06 -5.57 15.58
CA GLY A 83 4.37 -5.17 15.09
C GLY A 83 4.31 -4.50 13.73
N CYS A 84 3.59 -5.12 12.79
CA CYS A 84 3.52 -4.56 11.44
C CYS A 84 2.77 -3.23 11.42
N GLN A 85 1.77 -3.07 12.28
CA GLN A 85 1.11 -1.77 12.38
C GLN A 85 2.02 -0.73 13.01
N PHE A 86 2.86 -1.13 13.97
CA PHE A 86 3.83 -0.21 14.55
C PHE A 86 4.88 0.18 13.52
N ARG A 87 5.36 -0.78 12.73
CA ARG A 87 6.34 -0.47 11.69
C ARG A 87 5.72 0.31 10.53
N SER A 88 4.40 0.40 10.46
CA SER A 88 3.72 1.15 9.43
C SER A 88 3.42 2.58 9.84
N VAL A 89 3.87 3.01 11.03
CA VAL A 89 3.60 4.36 11.49
C VAL A 89 4.23 5.37 10.55
N GLU A 90 5.50 5.14 10.16
CA GLU A 90 6.18 6.06 9.26
C GLU A 90 5.45 6.17 7.93
N ALA A 91 4.97 5.05 7.39
CA ALA A 91 4.20 5.09 6.15
C ALA A 91 2.91 5.90 6.32
N VAL A 92 2.21 5.69 7.45
CA VAL A 92 1.01 6.47 7.73
C VAL A 92 1.33 7.96 7.76
N GLN A 93 2.45 8.33 8.40
CA GLN A 93 2.85 9.73 8.45
C GLN A 93 3.19 10.25 7.06
N GLU A 94 3.85 9.43 6.23
CA GLU A 94 4.19 9.85 4.88
C GLU A 94 2.93 10.07 4.04
N ILE A 95 1.95 9.17 4.17
CA ILE A 95 0.69 9.33 3.43
C ILE A 95 -0.03 10.59 3.88
N THR A 96 -0.02 10.85 5.19
CA THR A 96 -0.65 12.07 5.70
C THR A 96 0.04 13.33 5.20
N GLU A 97 1.38 13.31 5.13
CA GLU A 97 2.10 14.44 4.56
C GLU A 97 1.75 14.61 3.09
N TYR A 98 1.57 13.50 2.37
CA TYR A 98 1.19 13.60 0.96
C TYR A 98 -0.21 14.21 0.81
N ALA A 99 -1.15 13.81 1.68
CA ALA A 99 -2.51 14.32 1.57
C ALA A 99 -2.57 15.83 1.78
N LYS A 100 -1.69 16.37 2.63
CA LYS A 100 -1.65 17.81 2.85
C LYS A 100 -1.35 18.57 1.55
N SER A 101 -0.62 17.96 0.63
CA SER A 101 -0.27 18.61 -0.62
C SER A 101 -1.38 18.53 -1.66
N ILE A 102 -2.41 17.71 -1.43
CA ILE A 102 -3.54 17.61 -2.34
C ILE A 102 -4.35 18.88 -2.23
N PRO A 103 -4.48 19.68 -3.29
CA PRO A 103 -5.19 20.97 -3.19
C PRO A 103 -6.62 20.78 -2.70
N GLY A 104 -6.97 21.54 -1.65
CA GLY A 104 -8.29 21.50 -1.07
C GLY A 104 -8.42 20.57 0.13
N PHE A 105 -7.46 19.65 0.35
CA PHE A 105 -7.61 18.66 1.40
C PHE A 105 -7.60 19.30 2.78
N VAL A 106 -6.60 20.13 3.07
CA VAL A 106 -6.49 20.73 4.40
C VAL A 106 -7.60 21.72 4.70
N ASN A 107 -8.35 22.14 3.68
CA ASN A 107 -9.50 23.02 3.90
C ASN A 107 -10.76 22.28 4.30
N LEU A 108 -10.78 20.96 4.18
CA LEU A 108 -11.90 20.17 4.64
C LEU A 108 -11.95 20.15 6.18
N ASP A 109 -13.11 19.78 6.72
CA ASP A 109 -13.23 19.58 8.16
C ASP A 109 -12.18 18.60 8.64
N LEU A 110 -11.59 18.90 9.80
CA LEU A 110 -10.51 18.06 10.33
C LEU A 110 -10.98 16.63 10.56
N ASN A 111 -12.23 16.45 11.01
CA ASN A 111 -12.74 15.10 11.23
C ASN A 111 -12.84 14.33 9.93
N ASP A 112 -13.26 15.00 8.84
CA ASP A 112 -13.33 14.33 7.55
C ASP A 112 -11.93 14.01 7.02
N GLN A 113 -10.94 14.88 7.27
CA GLN A 113 -9.57 14.56 6.90
C GLN A 113 -9.10 13.30 7.62
N VAL A 114 -9.39 13.20 8.91
CA VAL A 114 -8.99 12.01 9.68
C VAL A 114 -9.70 10.78 9.16
N THR A 115 -11.01 10.89 8.89
CA THR A 115 -11.75 9.74 8.40
C THR A 115 -11.22 9.27 7.04
N LEU A 116 -10.97 10.21 6.13
CA LEU A 116 -10.44 9.83 4.82
C LEU A 116 -9.11 9.10 4.94
N LEU A 117 -8.26 9.54 5.87
CA LEU A 117 -6.95 8.93 6.01
C LEU A 117 -7.02 7.61 6.76
N LYS A 118 -7.90 7.49 7.76
CA LYS A 118 -7.91 6.26 8.56
C LYS A 118 -8.36 5.06 7.74
N TYR A 119 -9.16 5.28 6.70
CA TYR A 119 -9.49 4.21 5.77
C TYR A 119 -8.52 4.16 4.60
N GLY A 120 -8.04 5.31 4.13
CA GLY A 120 -7.19 5.33 2.96
C GLY A 120 -5.81 4.73 3.17
N VAL A 121 -5.25 4.86 4.37
CA VAL A 121 -3.86 4.44 4.58
C VAL A 121 -3.70 2.95 4.30
N HIS A 122 -4.67 2.13 4.70
CA HIS A 122 -4.55 0.69 4.51
C HIS A 122 -4.49 0.34 3.03
N GLU A 123 -5.33 0.98 2.22
CA GLU A 123 -5.35 0.68 0.79
C GLU A 123 -4.08 1.15 0.09
N ILE A 124 -3.56 2.31 0.51
CA ILE A 124 -2.33 2.83 -0.07
C ILE A 124 -1.13 1.96 0.30
N ILE A 125 -1.10 1.47 1.55
CA ILE A 125 -0.03 0.58 1.97
C ILE A 125 -0.02 -0.68 1.11
N TYR A 126 -1.20 -1.23 0.81
CA TYR A 126 -1.28 -2.39 -0.06
C TYR A 126 -0.86 -2.04 -1.49
N THR A 127 -1.19 -0.83 -1.96
CA THR A 127 -0.75 -0.40 -3.28
C THR A 127 0.76 -0.37 -3.38
N MET A 128 1.42 0.21 -2.38
CA MET A 128 2.88 0.28 -2.39
C MET A 128 3.52 -1.06 -2.06
N LEU A 129 2.83 -1.93 -1.31
CA LEU A 129 3.35 -3.27 -1.08
C LEU A 129 3.44 -4.06 -2.38
N ALA A 130 2.52 -3.81 -3.31
CA ALA A 130 2.55 -4.50 -4.60
C ALA A 130 3.83 -4.19 -5.37
N SER A 131 4.39 -2.99 -5.19
CA SER A 131 5.66 -2.66 -5.82
C SER A 131 6.77 -3.59 -5.36
N LEU A 132 6.71 -4.05 -4.11
CA LEU A 132 7.71 -4.95 -3.55
C LEU A 132 7.46 -6.41 -3.90
N MET A 133 6.43 -6.70 -4.72
CA MET A 133 6.01 -8.06 -4.99
C MET A 133 6.16 -8.40 -6.47
N ASN A 134 6.58 -9.63 -6.74
CA ASN A 134 6.36 -10.22 -8.07
C ASN A 134 5.70 -11.57 -7.87
N LYS A 135 5.59 -12.36 -8.94
CA LYS A 135 4.90 -13.64 -8.81
C LYS A 135 5.67 -14.63 -7.96
N ASP A 136 6.96 -14.39 -7.69
CA ASP A 136 7.80 -15.32 -6.94
C ASP A 136 7.90 -15.00 -5.46
N GLY A 137 7.70 -13.74 -5.05
CA GLY A 137 7.82 -13.40 -3.65
C GLY A 137 7.78 -11.89 -3.42
N VAL A 138 8.28 -11.48 -2.25
CA VAL A 138 8.15 -10.10 -1.78
C VAL A 138 9.44 -9.66 -1.10
N LEU A 139 9.85 -8.42 -1.33
CA LEU A 139 11.02 -7.86 -0.68
C LEU A 139 10.73 -7.58 0.79
N ILE A 140 11.71 -7.88 1.64
CA ILE A 140 11.61 -7.67 3.08
C ILE A 140 12.92 -7.07 3.59
N SER A 141 12.94 -6.73 4.88
CA SER A 141 14.13 -6.22 5.55
C SER A 141 14.73 -5.04 4.81
N GLU A 142 13.87 -4.13 4.37
CA GLU A 142 14.31 -2.92 3.67
C GLU A 142 15.15 -3.25 2.43
N GLY A 143 14.66 -4.22 1.65
CA GLY A 143 15.34 -4.63 0.44
C GLY A 143 16.47 -5.62 0.63
N GLN A 144 16.77 -6.02 1.87
CA GLN A 144 17.87 -6.95 2.12
C GLN A 144 17.46 -8.40 1.94
N GLY A 145 16.16 -8.71 1.95
CA GLY A 145 15.70 -10.08 1.83
C GLY A 145 14.57 -10.19 0.83
N PHE A 146 14.36 -11.42 0.37
CA PHE A 146 13.30 -11.75 -0.58
C PHE A 146 12.62 -13.01 -0.11
N MET A 147 11.39 -12.87 0.39
CA MET A 147 10.62 -13.98 0.93
C MET A 147 9.71 -14.53 -0.17
N THR A 148 9.88 -15.82 -0.51
CA THR A 148 9.15 -16.35 -1.65
C THR A 148 7.68 -16.56 -1.33
N ARG A 149 6.87 -16.47 -2.38
CA ARG A 149 5.42 -16.59 -2.26
C ARG A 149 5.00 -17.98 -1.80
N GLU A 150 5.61 -19.03 -2.35
CA GLU A 150 5.20 -20.39 -2.02
C GLU A 150 5.64 -20.79 -0.62
N PHE A 151 6.76 -20.25 -0.14
CA PHE A 151 7.17 -20.53 1.25
C PHE A 151 6.15 -19.96 2.22
N LEU A 152 5.70 -18.72 1.99
CA LEU A 152 4.66 -18.14 2.82
C LEU A 152 3.38 -18.97 2.78
N LYS A 153 2.99 -19.42 1.59
CA LYS A 153 1.76 -20.21 1.46
C LYS A 153 1.88 -21.57 2.14
N SER A 154 3.10 -22.11 2.23
CA SER A 154 3.28 -23.44 2.81
C SER A 154 3.24 -23.45 4.33
N LEU A 155 3.28 -22.28 4.97
CA LEU A 155 3.31 -22.23 6.42
C LEU A 155 1.98 -22.70 7.00
N ARG A 156 2.03 -23.14 8.26
CA ARG A 156 0.87 -23.73 8.91
C ARG A 156 -0.26 -22.72 9.03
N LYS A 157 -1.49 -23.24 9.06
CA LYS A 157 -2.65 -22.38 9.20
C LYS A 157 -2.62 -21.68 10.57
N PRO A 158 -3.11 -20.44 10.65
CA PRO A 158 -3.69 -19.63 9.57
C PRO A 158 -2.66 -18.80 8.81
N PHE A 159 -1.38 -18.91 9.18
CA PHE A 159 -0.37 -18.03 8.61
C PHE A 159 -0.22 -18.22 7.11
N GLY A 160 -0.40 -19.44 6.62
CA GLY A 160 -0.23 -19.72 5.20
C GLY A 160 -1.21 -18.99 4.29
N ASP A 161 -2.34 -18.53 4.83
CA ASP A 161 -3.34 -17.82 4.06
C ASP A 161 -3.25 -16.30 4.19
N PHE A 162 -2.27 -15.79 4.95
CA PHE A 162 -2.21 -14.35 5.22
C PHE A 162 -1.95 -13.55 3.95
N MET A 163 -0.91 -13.92 3.19
CA MET A 163 -0.40 -13.05 2.14
C MET A 163 -0.86 -13.42 0.73
N GLU A 164 -1.28 -14.67 0.51
CA GLU A 164 -1.57 -15.12 -0.86
C GLU A 164 -2.60 -14.26 -1.59
N PRO A 165 -3.69 -13.79 -0.97
CA PRO A 165 -4.59 -12.88 -1.72
C PRO A 165 -3.95 -11.55 -2.08
N LYS A 166 -2.97 -11.10 -1.30
CA LYS A 166 -2.25 -9.88 -1.67
C LYS A 166 -1.33 -10.13 -2.86
N PHE A 167 -0.71 -11.31 -2.93
CA PHE A 167 0.06 -11.66 -4.12
C PHE A 167 -0.82 -11.74 -5.35
N GLU A 168 -2.00 -12.34 -5.23
CA GLU A 168 -2.90 -12.43 -6.37
C GLU A 168 -3.30 -11.05 -6.88
N PHE A 169 -3.57 -10.12 -5.97
CA PHE A 169 -3.84 -8.75 -6.36
C PHE A 169 -2.61 -8.09 -6.98
N ALA A 170 -1.44 -8.28 -6.38
CA ALA A 170 -0.24 -7.56 -6.80
C ALA A 170 0.16 -7.94 -8.22
N VAL A 171 0.07 -9.22 -8.57
CA VAL A 171 0.47 -9.65 -9.91
C VAL A 171 -0.42 -9.01 -10.96
N LYS A 172 -1.74 -8.99 -10.72
CA LYS A 172 -2.65 -8.35 -11.68
C LYS A 172 -2.48 -6.84 -11.67
N PHE A 173 -2.25 -6.24 -10.50
CA PHE A 173 -2.04 -4.80 -10.43
C PHE A 173 -0.75 -4.40 -11.14
N ASN A 174 0.33 -5.17 -10.94
CA ASN A 174 1.61 -4.84 -11.57
C ASN A 174 1.57 -5.04 -13.07
N ALA A 175 0.67 -5.89 -13.58
CA ALA A 175 0.55 -6.09 -15.02
C ALA A 175 0.00 -4.86 -15.73
N LEU A 176 -0.60 -3.92 -15.00
CA LEU A 176 -1.00 -2.65 -15.60
C LEU A 176 0.20 -1.76 -15.89
N GLU A 177 1.35 -2.04 -15.28
CA GLU A 177 2.60 -1.33 -15.55
C GLU A 177 2.48 0.18 -15.30
N LEU A 178 1.85 0.53 -14.19
CA LEU A 178 1.84 1.93 -13.76
C LEU A 178 3.23 2.34 -13.28
N ASP A 179 3.56 3.60 -13.49
CA ASP A 179 4.78 4.17 -12.94
C ASP A 179 4.43 5.11 -11.80
N ASP A 180 5.47 5.71 -11.20
CA ASP A 180 5.26 6.55 -10.03
C ASP A 180 4.41 7.78 -10.37
N SER A 181 4.51 8.28 -11.60
CA SER A 181 3.66 9.39 -12.02
CA SER A 181 3.65 9.40 -12.00
C SER A 181 2.19 8.99 -12.01
N ASP A 182 1.88 7.77 -12.46
CA ASP A 182 0.49 7.29 -12.39
C ASP A 182 0.06 7.10 -10.95
N LEU A 183 0.92 6.47 -10.14
CA LEU A 183 0.55 6.11 -8.77
C LEU A 183 0.28 7.35 -7.91
N ALA A 184 0.95 8.46 -8.20
CA ALA A 184 0.73 9.69 -7.43
C ALA A 184 -0.72 10.13 -7.52
N ILE A 185 -1.28 10.14 -8.74
CA ILE A 185 -2.67 10.56 -8.91
C ILE A 185 -3.61 9.49 -8.39
N PHE A 186 -3.29 8.21 -8.65
CA PHE A 186 -4.15 7.12 -8.21
C PHE A 186 -4.30 7.10 -6.70
N ILE A 187 -3.20 7.33 -5.97
CA ILE A 187 -3.26 7.39 -4.52
C ILE A 187 -4.08 8.59 -4.06
N ALA A 188 -3.95 9.73 -4.75
CA ALA A 188 -4.76 10.89 -4.40
C ALA A 188 -6.24 10.60 -4.56
N VAL A 189 -6.62 9.87 -5.63
CA VAL A 189 -8.01 9.50 -5.81
C VAL A 189 -8.49 8.61 -4.67
N ILE A 190 -7.64 7.69 -4.22
CA ILE A 190 -8.00 6.81 -3.11
C ILE A 190 -8.33 7.64 -1.86
N ILE A 191 -7.47 8.60 -1.54
CA ILE A 191 -7.64 9.39 -0.32
C ILE A 191 -8.96 10.14 -0.36
N LEU A 192 -9.27 10.77 -1.50
CA LEU A 192 -10.49 11.58 -1.62
C LEU A 192 -11.74 10.74 -1.94
N SER A 193 -11.92 9.61 -1.27
CA SER A 193 -13.07 8.75 -1.50
C SER A 193 -14.25 9.27 -0.68
N GLY A 194 -15.28 9.75 -1.37
CA GLY A 194 -16.43 10.30 -0.69
C GLY A 194 -17.40 9.30 -0.11
N ASP A 195 -17.10 8.01 -0.17
CA ASP A 195 -18.00 6.97 0.32
C ASP A 195 -17.53 6.35 1.63
N ARG A 196 -16.55 6.95 2.30
CA ARG A 196 -16.09 6.42 3.58
C ARG A 196 -17.19 6.61 4.62
N PRO A 197 -17.37 5.65 5.53
CA PRO A 197 -18.39 5.82 6.58
C PRO A 197 -17.96 6.87 7.59
N GLY A 198 -18.94 7.69 8.01
CA GLY A 198 -18.70 8.71 9.00
C GLY A 198 -18.35 10.08 8.45
N LEU A 199 -18.22 10.22 7.13
CA LEU A 199 -17.93 11.52 6.54
C LEU A 199 -19.09 12.47 6.74
N LEU A 200 -18.76 13.74 7.03
CA LEU A 200 -19.75 14.78 7.31
C LEU A 200 -20.16 15.54 6.06
N ASN A 201 -19.17 16.06 5.33
CA ASN A 201 -19.40 16.88 4.13
C ASN A 201 -18.86 16.10 2.93
N VAL A 202 -19.74 15.36 2.27
CA VAL A 202 -19.33 14.51 1.15
C VAL A 202 -19.06 15.34 -0.09
N LYS A 203 -19.84 16.40 -0.31
CA LYS A 203 -19.74 17.18 -1.55
C LYS A 203 -18.35 17.77 -1.77
N PRO A 204 -17.76 18.53 -0.84
CA PRO A 204 -16.43 19.09 -1.12
C PRO A 204 -15.35 18.03 -1.32
N ILE A 205 -15.55 16.82 -0.79
CA ILE A 205 -14.62 15.74 -1.07
C ILE A 205 -14.78 15.27 -2.52
N GLU A 206 -16.03 15.04 -2.94
CA GLU A 206 -16.30 14.62 -4.31
C GLU A 206 -15.85 15.67 -5.33
N ASP A 207 -15.97 16.95 -5.00
CA ASP A 207 -15.49 18.00 -5.89
C ASP A 207 -14.00 17.85 -6.14
N ILE A 208 -13.23 17.55 -5.10
CA ILE A 208 -11.80 17.35 -5.28
C ILE A 208 -11.51 16.07 -6.05
N GLN A 209 -12.19 14.97 -5.69
CA GLN A 209 -11.90 13.71 -6.37
C GLN A 209 -12.25 13.78 -7.86
N ASP A 210 -13.35 14.46 -8.19
CA ASP A 210 -13.71 14.62 -9.60
C ASP A 210 -12.61 15.31 -10.38
N ASN A 211 -11.95 16.30 -9.77
CA ASN A 211 -10.83 16.96 -10.44
C ASN A 211 -9.62 16.04 -10.51
N LEU A 212 -9.39 15.24 -9.46
CA LEU A 212 -8.31 14.25 -9.50
C LEU A 212 -8.59 13.17 -10.52
N LEU A 213 -9.86 12.76 -10.66
CA LEU A 213 -10.20 11.76 -11.67
C LEU A 213 -9.94 12.28 -13.07
N GLN A 214 -10.31 13.53 -13.34
CA GLN A 214 -10.01 14.14 -14.64
C GLN A 214 -8.52 14.15 -14.91
N ALA A 215 -7.72 14.52 -13.91
CA ALA A 215 -6.27 14.49 -14.05
C ALA A 215 -5.76 13.08 -14.29
N LEU A 216 -6.35 12.10 -13.61
CA LEU A 216 -5.95 10.71 -13.80
C LEU A 216 -6.30 10.22 -15.20
N GLU A 217 -7.51 10.54 -15.66
CA GLU A 217 -7.95 10.13 -16.99
C GLU A 217 -6.98 10.63 -18.06
N LEU A 218 -6.63 11.92 -18.00
CA LEU A 218 -5.70 12.50 -18.97
C LEU A 218 -4.32 11.88 -18.84
N GLN A 219 -3.85 11.66 -17.61
CA GLN A 219 -2.53 11.07 -17.40
C GLN A 219 -2.41 9.70 -18.04
N LEU A 220 -3.45 8.88 -17.91
CA LEU A 220 -3.39 7.52 -18.47
C LEU A 220 -3.46 7.53 -19.99
N LYS A 221 -4.19 8.48 -20.58
CA LYS A 221 -4.21 8.59 -22.04
C LYS A 221 -2.83 8.97 -22.57
N LEU A 222 -2.17 9.93 -21.93
CA LEU A 222 -0.88 10.40 -22.42
C LEU A 222 0.23 9.39 -22.17
N ASN A 223 0.13 8.61 -21.10
CA ASN A 223 1.23 7.76 -20.65
C ASN A 223 1.05 6.29 -21.02
N HIS A 224 -0.15 5.86 -21.38
CA HIS A 224 -0.42 4.45 -21.66
C HIS A 224 -1.27 4.32 -22.92
N PRO A 225 -0.66 4.46 -24.10
CA PRO A 225 -1.41 4.29 -25.35
C PRO A 225 -1.89 2.87 -25.59
N GLU A 226 -1.35 1.89 -24.87
CA GLU A 226 -1.62 0.48 -25.11
C GLU A 226 -2.87 -0.04 -24.42
N SER A 227 -3.51 0.76 -23.57
CA SER A 227 -4.67 0.30 -22.79
C SER A 227 -5.74 1.38 -22.83
N SER A 228 -6.77 1.15 -23.64
CA SER A 228 -7.83 2.14 -23.82
C SER A 228 -8.78 2.20 -22.64
N GLN A 229 -8.98 1.09 -21.93
CA GLN A 229 -9.83 1.06 -20.75
C GLN A 229 -9.01 0.96 -19.46
N LEU A 230 -7.79 1.50 -19.46
CA LEU A 230 -6.95 1.45 -18.28
C LEU A 230 -7.57 2.25 -17.13
N PHE A 231 -8.21 3.37 -17.44
CA PHE A 231 -8.90 4.16 -16.43
C PHE A 231 -9.95 3.34 -15.70
N ALA A 232 -10.79 2.62 -16.47
CA ALA A 232 -11.78 1.74 -15.86
C ALA A 232 -11.13 0.64 -15.04
N LYS A 233 -10.13 -0.04 -15.62
CA LYS A 233 -9.46 -1.13 -14.92
C LYS A 233 -8.81 -0.66 -13.62
N LEU A 234 -8.24 0.54 -13.64
CA LEU A 234 -7.59 1.05 -12.43
C LEU A 234 -8.60 1.37 -11.34
N LEU A 235 -9.78 1.88 -11.72
CA LEU A 235 -10.83 2.09 -10.73
C LEU A 235 -11.37 0.78 -10.20
N GLN A 236 -11.32 -0.29 -11.00
CA GLN A 236 -11.72 -1.60 -10.50
C GLN A 236 -10.77 -2.11 -9.44
N LYS A 237 -9.50 -1.72 -9.49
CA LYS A 237 -8.54 -2.13 -8.47
C LYS A 237 -8.86 -1.54 -7.11
N MET A 238 -9.64 -0.46 -7.05
CA MET A 238 -10.15 0.03 -5.78
C MET A 238 -10.94 -1.04 -5.06
N THR A 239 -11.80 -1.75 -5.80
CA THR A 239 -12.62 -2.79 -5.21
C THR A 239 -11.77 -3.93 -4.68
N ASP A 240 -10.68 -4.25 -5.37
CA ASP A 240 -9.78 -5.29 -4.88
C ASP A 240 -9.05 -4.84 -3.62
N LEU A 241 -8.67 -3.56 -3.56
CA LEU A 241 -7.99 -3.04 -2.38
C LEU A 241 -8.91 -3.07 -1.17
N ARG A 242 -10.17 -2.65 -1.33
CA ARG A 242 -11.10 -2.66 -0.21
C ARG A 242 -11.39 -4.09 0.24
N GLN A 243 -11.48 -5.03 -0.70
CA GLN A 243 -11.72 -6.42 -0.35
C GLN A 243 -10.60 -6.97 0.52
N ILE A 244 -9.35 -6.67 0.16
CA ILE A 244 -8.21 -7.14 0.95
C ILE A 244 -8.28 -6.58 2.37
N VAL A 245 -8.66 -5.30 2.51
CA VAL A 245 -8.77 -4.71 3.84
C VAL A 245 -9.88 -5.39 4.63
N THR A 246 -11.03 -5.64 3.99
CA THR A 246 -12.14 -6.29 4.68
C THR A 246 -11.81 -7.73 5.06
N GLU A 247 -10.96 -8.40 4.26
CA GLU A 247 -10.57 -9.76 4.58
C GLU A 247 -9.76 -9.83 5.87
N HIS A 248 -9.21 -8.71 6.34
CA HIS A 248 -8.48 -8.73 7.61
C HIS A 248 -9.41 -8.99 8.78
N VAL A 249 -10.68 -8.56 8.69
CA VAL A 249 -11.63 -8.83 9.77
C VAL A 249 -11.91 -10.32 9.85
N GLN A 250 -12.08 -10.98 8.70
CA GLN A 250 -12.26 -12.43 8.69
C GLN A 250 -11.02 -13.14 9.20
N LEU A 251 -9.84 -12.58 8.94
CA LEU A 251 -8.60 -13.21 9.38
C LEU A 251 -8.52 -13.25 10.91
N LEU A 252 -8.89 -12.16 11.58
CA LEU A 252 -8.87 -12.14 13.04
C LEU A 252 -9.82 -13.17 13.62
N GLN A 253 -10.95 -13.42 12.96
CA GLN A 253 -11.89 -14.41 13.46
C GLN A 253 -11.39 -15.84 13.23
N VAL A 254 -10.72 -16.07 12.09
CA VAL A 254 -10.09 -17.37 11.86
C VAL A 254 -9.02 -17.64 12.92
N ILE A 255 -8.30 -16.59 13.32
CA ILE A 255 -7.28 -16.73 14.35
C ILE A 255 -7.92 -17.10 15.69
N LYS A 256 -9.05 -16.49 16.02
CA LYS A 256 -9.71 -16.78 17.29
C LYS A 256 -10.33 -18.17 17.28
N LYS A 257 -10.78 -18.64 16.12
CA LYS A 257 -11.41 -19.96 16.00
C LYS A 257 -10.40 -21.08 15.73
N THR A 258 -9.10 -20.78 15.74
CA THR A 258 -8.08 -21.77 15.46
C THR A 258 -7.69 -22.48 16.76
N GLU A 259 -7.91 -23.79 16.82
CA GLU A 259 -7.51 -24.59 17.97
C GLU A 259 -6.18 -25.29 17.77
N THR A 260 -5.67 -25.36 16.55
CA THR A 260 -4.41 -26.04 16.28
C THR A 260 -3.24 -25.18 16.79
N ASP A 261 -2.04 -25.74 16.68
CA ASP A 261 -0.83 -25.05 17.13
C ASP A 261 -0.55 -23.86 16.21
N MET A 262 -0.49 -22.66 16.80
CA MET A 262 -0.16 -21.45 16.06
C MET A 262 1.22 -20.92 16.42
N SER A 263 2.11 -21.80 16.87
CA SER A 263 3.50 -21.42 17.11
C SER A 263 4.21 -21.21 15.77
N LEU A 264 4.97 -20.14 15.68
CA LEU A 264 5.68 -19.79 14.46
C LEU A 264 7.13 -19.48 14.78
N HIS A 265 8.02 -19.85 13.85
CA HIS A 265 9.44 -19.59 14.03
C HIS A 265 9.67 -18.09 14.25
N PRO A 266 10.49 -17.71 15.23
CA PRO A 266 10.68 -16.27 15.51
C PRO A 266 11.17 -15.47 14.32
N LEU A 267 12.00 -16.07 13.46
CA LEU A 267 12.42 -15.36 12.25
C LEU A 267 11.25 -15.15 11.30
N LEU A 268 10.32 -16.11 11.24
CA LEU A 268 9.13 -15.93 10.41
C LEU A 268 8.23 -14.84 10.98
N GLN A 269 8.11 -14.78 12.31
CA GLN A 269 7.32 -13.71 12.93
C GLN A 269 7.88 -12.34 12.59
N GLU A 270 9.22 -12.22 12.58
CA GLU A 270 9.82 -10.94 12.24
C GLU A 270 9.62 -10.58 10.78
N ILE A 271 9.59 -11.58 9.90
CA ILE A 271 9.34 -11.33 8.48
C ILE A 271 7.92 -10.84 8.26
N TYR A 272 6.94 -11.46 8.93
CA TYR A 272 5.57 -11.03 8.78
C TYR A 272 5.35 -9.61 9.30
N LYS A 273 6.16 -9.18 10.27
CA LYS A 273 6.05 -7.81 10.74
C LYS A 273 6.50 -6.80 9.70
N ASP A 274 7.23 -7.23 8.68
CA ASP A 274 7.61 -6.38 7.55
C ASP A 274 6.56 -6.38 6.44
N LEU A 275 5.47 -7.12 6.59
CA LEU A 275 4.42 -7.18 5.59
C LEU A 275 3.17 -6.45 6.09
N TYR A 276 2.02 -6.77 5.51
CA TYR A 276 0.79 -6.09 5.85
C TYR A 276 -0.43 -6.85 5.37
N SER B 4 -4.47 -0.02 15.77
CA SER B 4 -5.77 0.20 16.42
C SER B 4 -6.50 1.36 15.77
N ASN B 5 -7.83 1.30 15.76
CA ASN B 5 -8.62 2.37 15.12
C ASN B 5 -8.38 3.71 15.80
N LEU B 6 -8.52 3.75 17.13
CA LEU B 6 -8.24 4.99 17.85
C LEU B 6 -6.76 5.28 17.93
N GLY B 7 -5.92 4.24 17.93
CA GLY B 7 -4.49 4.46 17.87
C GLY B 7 -4.04 5.02 16.54
N LEU B 8 -4.68 4.58 15.45
CA LEU B 8 -4.36 5.12 14.13
C LEU B 8 -4.86 6.55 13.99
N GLU B 9 -6.07 6.83 14.48
CA GLU B 9 -6.59 8.19 14.44
C GLU B 9 -5.65 9.16 15.15
N ASP B 10 -5.13 8.76 16.30
CA ASP B 10 -4.19 9.61 17.04
C ASP B 10 -2.94 9.89 16.22
N ILE B 11 -2.39 8.85 15.57
CA ILE B 11 -1.22 9.05 14.72
C ILE B 11 -1.54 10.00 13.56
N ILE B 12 -2.70 9.83 12.95
CA ILE B 12 -3.08 10.68 11.83
C ILE B 12 -3.32 12.11 12.29
N ARG B 13 -4.04 12.29 13.40
CA ARG B 13 -4.30 13.64 13.92
C ARG B 13 -3.00 14.37 14.25
N LYS B 14 -2.07 13.68 14.91
CA LYS B 14 -0.78 14.29 15.22
C LYS B 14 0.00 14.62 13.95
N ALA B 15 -0.05 13.73 12.96
CA ALA B 15 0.66 13.98 11.71
C ALA B 15 0.04 15.16 10.96
N LEU B 16 -1.26 15.40 11.13
CA LEU B 16 -1.91 16.54 10.49
C LEU B 16 -1.56 17.87 11.15
N MET B 17 -0.99 17.84 12.34
CA MET B 17 -0.57 19.06 13.02
C MET B 17 0.69 19.64 12.37
#